data_4C2Q
#
_entry.id   4C2Q
#
_cell.length_a   56.640
_cell.length_b   85.040
_cell.length_c   133.660
_cell.angle_alpha   90.00
_cell.angle_beta   90.00
_cell.angle_gamma   90.00
#
_symmetry.space_group_name_H-M   'P 21 21 21'
#
loop_
_entity.id
_entity.type
_entity.pdbx_description
1 polymer 'ANGIOTENSIN-CONVERTING ENZYME'
2 branched beta-D-mannopyranose-(1-4)-2-acetamido-2-deoxy-beta-D-glucopyranose-(1-4)-[alpha-L-fucopyranose-(1-6)]2-acetamido-2-deoxy-beta-D-glucopyranose
3 non-polymer 'ZINC ION'
4 non-polymer 'CHLORIDE ION'
5 non-polymer 'SULFATE ION'
6 non-polymer 'ACETATE ION'
7 non-polymer 2-{2-[2-(2-{2-[2-(2-ETHOXY-ETHOXY)-ETHOXY]-ETHOXY}-ETHOXY)-ETHOXY]-ETHOXY}-ETHANOL
8 water water
#
_entity_poly.entity_id   1
_entity_poly.type   'polypeptide(L)'
_entity_poly.pdbx_seq_one_letter_code
;LVTDEAEASKFVEEYDRTSQVVWNEYAEANWNYNTNITTETSKILLQKNMQIANHTLKYGTQARKFDVNQLQNTTIKRII
KKVQDLERAALPAQELEEYNKILLDMETTYSVATVCHPNGSCLQLEPDLTNVMATSRKYEDLLWAWEGWRDKAGRAILQF
YPKYVELINQAARLNGYVDAGDSWRSMYETPSLEQDLERLFQELQPLYLNLHAYVRRALHRHYGAQHINLEGPIPAHLLG
NMWAQTWSNIYDLVVPFPSAPSMDTTEAMLKQGWTPRRMFKEADDFFTSLGLLPVPPEFWNKSMLEKPTDGREVVCHASA
WDFYNGKDFRIKQCTTVNLEDLVVAHHEMGHIQYFMQYKDLPVALREGANPGFHEAIGDVLALSVSTPKHLHSLNLLSSE
GGSDEHDINFLMKMALDKIAFIPFSYLVDQWRWRVFDGSITKENYNQEWWSLRLKYQGLCPPVPRTQGDFDPGAKFHIPS
SVPYIKYFVSFIIQFQFHEALCQAAGHTGPLHKCDIYQSKEAGQRLATAMKLGFSRPWPEAMQLITGQPNMSASAMLSYF
KPLLDWLRTENELHGEKLGWPQYNWTPNS
;
_entity_poly.pdbx_strand_id   A
#
loop_
_chem_comp.id
_chem_comp.type
_chem_comp.name
_chem_comp.formula
ACT non-polymer 'ACETATE ION' 'C2 H3 O2 -1'
BMA D-saccharide, beta linking beta-D-mannopyranose 'C6 H12 O6'
CL non-polymer 'CHLORIDE ION' 'Cl -1'
FUC L-saccharide, alpha linking alpha-L-fucopyranose 'C6 H12 O5'
NAG D-saccharide, beta linking 2-acetamido-2-deoxy-beta-D-glucopyranose 'C8 H15 N O6'
PE4 non-polymer 2-{2-[2-(2-{2-[2-(2-ETHOXY-ETHOXY)-ETHOXY]-ETHOXY}-ETHOXY)-ETHOXY]-ETHOXY}-ETHANOL 'C16 H34 O8'
SO4 non-polymer 'SULFATE ION' 'O4 S -2'
ZN non-polymer 'ZINC ION' 'Zn 2'
#
# COMPACT_ATOMS: atom_id res chain seq x y z
N ASP A 4 -25.86 -30.85 11.27
CA ASP A 4 -24.98 -32.03 10.95
C ASP A 4 -23.73 -31.56 10.22
N GLU A 5 -22.63 -32.25 10.46
CA GLU A 5 -21.35 -31.95 9.83
C GLU A 5 -21.45 -32.02 8.32
N ALA A 6 -22.15 -33.04 7.82
CA ALA A 6 -22.20 -33.33 6.40
C ALA A 6 -23.05 -32.33 5.60
N GLU A 7 -24.05 -31.75 6.26
CA GLU A 7 -24.83 -30.69 5.65
C GLU A 7 -23.97 -29.42 5.51
N ALA A 8 -23.07 -29.19 6.45
CA ALA A 8 -22.14 -28.05 6.39
C ALA A 8 -21.06 -28.25 5.31
N SER A 9 -20.65 -29.49 5.12
CA SER A 9 -19.70 -29.84 4.06
C SER A 9 -20.31 -29.66 2.66
N LYS A 10 -21.57 -30.06 2.48
CA LYS A 10 -22.30 -29.87 1.22
C LYS A 10 -22.43 -28.38 0.89
N PHE A 11 -22.90 -27.59 1.86
CA PHE A 11 -23.02 -26.14 1.70
C PHE A 11 -21.71 -25.47 1.23
N VAL A 12 -20.61 -25.80 1.89
CA VAL A 12 -19.31 -25.24 1.53
C VAL A 12 -18.95 -25.60 0.07
N GLU A 13 -19.18 -26.85 -0.32
CA GLU A 13 -18.98 -27.27 -1.71
C GLU A 13 -19.88 -26.49 -2.68
N GLU A 14 -21.13 -26.27 -2.31
CA GLU A 14 -22.05 -25.50 -3.14
C GLU A 14 -21.64 -24.01 -3.21
N TYR A 15 -21.33 -23.41 -2.07
CA TYR A 15 -20.85 -22.03 -2.06
C TYR A 15 -19.62 -21.85 -2.95
N ASP A 16 -18.68 -22.78 -2.91
CA ASP A 16 -17.46 -22.66 -3.69
C ASP A 16 -17.70 -22.75 -5.21
N ARG A 17 -18.57 -23.66 -5.65
CA ARG A 17 -18.79 -23.82 -7.11
C ARG A 17 -19.44 -22.58 -7.71
N THR A 18 -20.44 -22.06 -7.02
CA THR A 18 -21.19 -20.90 -7.48
C THR A 18 -20.43 -19.56 -7.29
N SER A 19 -19.59 -19.49 -6.25
CA SER A 19 -18.75 -18.30 -6.07
C SER A 19 -17.75 -18.13 -7.20
N GLN A 20 -17.11 -19.21 -7.64
CA GLN A 20 -16.15 -19.12 -8.75
C GLN A 20 -16.73 -18.43 -10.00
N VAL A 21 -17.96 -18.81 -10.33
CA VAL A 21 -18.61 -18.33 -11.53
C VAL A 21 -19.00 -16.87 -11.32
N VAL A 22 -19.69 -16.62 -10.22
CA VAL A 22 -20.22 -15.29 -9.93
C VAL A 22 -19.09 -14.27 -9.75
N TRP A 23 -18.08 -14.61 -8.95
CA TRP A 23 -16.93 -13.73 -8.69
C TRP A 23 -16.13 -13.48 -9.96
N ASN A 24 -16.06 -14.47 -10.84
CA ASN A 24 -15.39 -14.31 -12.13
C ASN A 24 -16.06 -13.30 -13.08
N GLU A 25 -17.38 -13.35 -13.18
CA GLU A 25 -18.15 -12.39 -13.99
C GLU A 25 -18.01 -10.99 -13.42
N TYR A 26 -18.05 -10.87 -12.11
CA TYR A 26 -17.85 -9.59 -11.47
C TYR A 26 -16.47 -9.02 -11.82
N ALA A 27 -15.45 -9.87 -11.70
CA ALA A 27 -14.09 -9.43 -11.88
C ALA A 27 -13.90 -8.76 -13.24
N GLU A 28 -14.46 -9.35 -14.29
CA GLU A 28 -14.32 -8.79 -15.65
C GLU A 28 -15.07 -7.47 -15.83
N ALA A 29 -16.27 -7.38 -15.28
CA ALA A 29 -17.02 -6.13 -15.30
C ALA A 29 -16.22 -5.04 -14.59
N ASN A 30 -15.76 -5.32 -13.38
CA ASN A 30 -14.92 -4.39 -12.63
C ASN A 30 -13.63 -4.03 -13.36
N TRP A 31 -13.05 -5.01 -14.04
CA TRP A 31 -11.85 -4.78 -14.84
C TRP A 31 -12.10 -3.80 -15.99
N ASN A 32 -13.18 -4.03 -16.71
CA ASN A 32 -13.54 -3.26 -17.91
C ASN A 32 -13.82 -1.79 -17.61
N TYR A 33 -14.47 -1.52 -16.49
CA TYR A 33 -14.62 -0.15 -16.01
C TYR A 33 -13.29 0.47 -15.54
N ASN A 34 -12.55 -0.23 -14.69
CA ASN A 34 -11.22 0.22 -14.23
C ASN A 34 -10.22 0.57 -15.35
N THR A 35 -10.30 -0.14 -16.48
CA THR A 35 -9.43 0.09 -17.65
C THR A 35 -10.12 0.85 -18.79
N ASN A 36 -11.38 1.24 -18.60
CA ASN A 36 -12.13 2.03 -19.58
C ASN A 36 -13.34 2.70 -18.90
N ILE A 37 -13.09 3.80 -18.21
CA ILE A 37 -14.14 4.52 -17.50
C ILE A 37 -15.05 5.22 -18.50
N THR A 38 -16.28 4.75 -18.59
CA THR A 38 -17.30 5.31 -19.48
C THR A 38 -18.62 5.28 -18.72
N THR A 39 -19.71 5.64 -19.39
CA THR A 39 -21.05 5.49 -18.82
C THR A 39 -21.53 4.04 -18.99
N GLU A 40 -21.24 3.44 -20.15
CA GLU A 40 -21.67 2.05 -20.44
C GLU A 40 -21.09 1.11 -19.38
N THR A 41 -19.76 1.02 -19.32
CA THR A 41 -19.06 0.13 -18.38
C THR A 41 -19.48 0.43 -16.94
N SER A 42 -19.68 1.70 -16.64
CA SER A 42 -20.17 2.15 -15.33
C SER A 42 -21.51 1.47 -14.99
N LYS A 43 -22.48 1.57 -15.90
CA LYS A 43 -23.78 0.91 -15.75
C LYS A 43 -23.67 -0.60 -15.54
N ILE A 44 -22.92 -1.28 -16.41
CA ILE A 44 -22.75 -2.74 -16.34
C ILE A 44 -22.16 -3.17 -15.00
N LEU A 45 -21.14 -2.45 -14.54
CA LEU A 45 -20.53 -2.73 -13.25
C LEU A 45 -21.58 -2.61 -12.15
N LEU A 46 -22.41 -1.57 -12.19
CA LEU A 46 -23.45 -1.39 -11.18
C LEU A 46 -24.51 -2.50 -11.22
N GLN A 47 -24.75 -3.07 -12.40
CA GLN A 47 -25.71 -4.17 -12.57
C GLN A 47 -25.11 -5.47 -12.05
N LYS A 48 -23.86 -5.73 -12.38
CA LYS A 48 -23.15 -6.91 -11.86
C LYS A 48 -22.95 -6.83 -10.34
N ASN A 49 -22.88 -5.62 -9.81
CA ASN A 49 -22.80 -5.42 -8.38
C ASN A 49 -24.05 -6.00 -7.73
N MET A 50 -25.21 -5.68 -8.30
CA MET A 50 -26.48 -6.21 -7.79
C MET A 50 -26.57 -7.72 -7.90
N GLN A 51 -25.94 -8.27 -8.93
CA GLN A 51 -25.97 -9.71 -9.13
C GLN A 51 -25.15 -10.41 -8.07
N ILE A 52 -23.90 -10.00 -7.88
CA ILE A 52 -23.08 -10.61 -6.84
C ILE A 52 -23.71 -10.40 -5.45
N ALA A 53 -24.28 -9.23 -5.20
CA ALA A 53 -24.99 -8.99 -3.94
C ALA A 53 -26.10 -10.03 -3.70
N ASN A 54 -26.77 -10.39 -4.78
CA ASN A 54 -27.86 -11.37 -4.75
C ASN A 54 -27.33 -12.78 -4.45
N HIS A 55 -26.20 -13.15 -5.05
CA HIS A 55 -25.52 -14.39 -4.69
C HIS A 55 -25.04 -14.37 -3.24
N THR A 56 -24.48 -13.24 -2.82
CA THR A 56 -23.94 -13.10 -1.47
C THR A 56 -25.03 -13.27 -0.42
N LEU A 57 -26.16 -12.61 -0.66
CA LEU A 57 -27.33 -12.64 0.23
C LEU A 57 -27.88 -14.05 0.42
N LYS A 58 -28.01 -14.78 -0.70
CA LYS A 58 -28.54 -16.12 -0.68
C LYS A 58 -27.71 -17.03 0.22
N TYR A 59 -26.39 -17.03 -0.01
CA TYR A 59 -25.54 -17.98 0.67
C TYR A 59 -25.23 -17.48 2.07
N GLY A 60 -25.05 -16.17 2.21
CA GLY A 60 -24.98 -15.54 3.51
C GLY A 60 -26.14 -15.89 4.43
N THR A 61 -27.34 -16.02 3.87
CA THR A 61 -28.51 -16.35 4.67
C THR A 61 -28.48 -17.82 5.08
N GLN A 62 -28.14 -18.70 4.15
CA GLN A 62 -27.98 -20.12 4.44
C GLN A 62 -26.91 -20.33 5.48
N ALA A 63 -25.80 -19.60 5.33
CA ALA A 63 -24.64 -19.74 6.23
C ALA A 63 -25.02 -19.46 7.67
N ARG A 64 -25.94 -18.53 7.89
CA ARG A 64 -26.33 -18.11 9.25
C ARG A 64 -27.30 -19.08 9.96
N LYS A 65 -27.73 -20.12 9.25
CA LYS A 65 -28.59 -21.14 9.83
C LYS A 65 -27.76 -22.22 10.50
N PHE A 66 -26.42 -22.09 10.44
CA PHE A 66 -25.49 -23.02 11.02
C PHE A 66 -24.83 -22.40 12.23
N ASP A 67 -24.74 -23.19 13.30
CA ASP A 67 -23.97 -22.81 14.49
C ASP A 67 -22.52 -23.21 14.29
N VAL A 68 -21.68 -22.21 14.01
CA VAL A 68 -20.30 -22.45 13.56
C VAL A 68 -19.42 -23.11 14.63
N ASN A 69 -19.59 -22.70 15.87
CA ASN A 69 -18.76 -23.21 16.95
C ASN A 69 -19.24 -24.58 17.47
N GLN A 70 -20.30 -25.11 16.86
CA GLN A 70 -20.72 -26.53 17.04
C GLN A 70 -20.34 -27.43 15.84
N LEU A 71 -19.23 -27.10 15.18
CA LEU A 71 -18.82 -27.79 13.96
C LEU A 71 -17.39 -28.26 14.09
N GLN A 72 -17.19 -29.55 13.85
CA GLN A 72 -15.99 -30.24 14.27
C GLN A 72 -14.77 -29.90 13.40
N ASN A 73 -14.96 -29.88 12.07
CA ASN A 73 -13.86 -29.53 11.14
C ASN A 73 -13.59 -28.04 11.19
N THR A 74 -12.35 -27.64 11.44
CA THR A 74 -12.03 -26.21 11.55
C THR A 74 -12.13 -25.49 10.20
N THR A 75 -11.51 -26.07 9.16
CA THR A 75 -11.52 -25.46 7.82
C THR A 75 -12.93 -25.16 7.27
N ILE A 76 -13.90 -25.99 7.62
CA ILE A 76 -15.29 -25.75 7.21
C ILE A 76 -15.88 -24.67 8.11
N LYS A 77 -15.66 -24.79 9.41
CA LYS A 77 -16.07 -23.78 10.40
C LYS A 77 -15.60 -22.39 9.97
N ARG A 78 -14.36 -22.33 9.51
CA ARG A 78 -13.76 -21.08 9.09
C ARG A 78 -14.42 -20.52 7.80
N ILE A 79 -14.77 -21.39 6.86
CA ILE A 79 -15.41 -20.95 5.63
C ILE A 79 -16.82 -20.42 5.89
N ILE A 80 -17.57 -21.16 6.69
CA ILE A 80 -18.96 -20.80 6.97
C ILE A 80 -19.04 -19.44 7.70
N LYS A 81 -18.15 -19.25 8.67
CA LYS A 81 -18.06 -18.00 9.44
C LYS A 81 -17.89 -16.79 8.54
N LYS A 82 -16.94 -16.88 7.62
CA LYS A 82 -16.71 -15.85 6.63
C LYS A 82 -17.96 -15.56 5.79
N VAL A 83 -18.64 -16.62 5.32
CA VAL A 83 -19.81 -16.46 4.43
C VAL A 83 -21.03 -15.82 5.14
N GLN A 84 -21.10 -15.93 6.47
CA GLN A 84 -22.12 -15.27 7.28
C GLN A 84 -21.97 -13.74 7.32
N ASP A 85 -20.78 -13.25 6.98
CA ASP A 85 -20.54 -11.82 6.75
C ASP A 85 -20.84 -11.42 5.30
N LEU A 86 -22.00 -10.82 5.11
CA LEU A 86 -22.50 -10.38 3.81
C LEU A 86 -21.85 -9.08 3.31
N GLU A 87 -21.11 -8.38 4.18
CA GLU A 87 -20.58 -7.02 3.90
C GLU A 87 -21.72 -6.11 3.41
N ARG A 88 -21.54 -5.39 2.30
CA ARG A 88 -22.55 -4.46 1.80
C ARG A 88 -23.89 -5.11 1.44
N ALA A 89 -23.83 -6.38 1.03
CA ALA A 89 -25.03 -7.11 0.66
C ALA A 89 -26.04 -7.28 1.80
N ALA A 90 -25.66 -6.93 3.04
CA ALA A 90 -26.62 -6.92 4.16
C ALA A 90 -27.61 -5.77 4.10
N LEU A 91 -27.33 -4.76 3.27
CA LEU A 91 -28.15 -3.56 3.23
C LEU A 91 -29.48 -3.84 2.52
N PRO A 92 -30.55 -3.12 2.93
CA PRO A 92 -31.73 -3.13 2.10
C PRO A 92 -31.43 -2.62 0.69
N ALA A 93 -32.24 -3.05 -0.27
CA ALA A 93 -32.09 -2.75 -1.70
C ALA A 93 -31.81 -1.28 -2.01
N GLN A 94 -32.57 -0.37 -1.40
CA GLN A 94 -32.41 1.05 -1.70
C GLN A 94 -31.03 1.53 -1.27
N GLU A 95 -30.67 1.23 -0.02
CA GLU A 95 -29.36 1.56 0.54
C GLU A 95 -28.20 0.89 -0.21
N LEU A 96 -28.39 -0.34 -0.68
CA LEU A 96 -27.29 -1.03 -1.37
C LEU A 96 -27.01 -0.28 -2.65
N GLU A 97 -28.08 0.20 -3.28
CA GLU A 97 -27.97 0.90 -4.55
C GLU A 97 -27.28 2.24 -4.34
N GLU A 98 -27.68 2.97 -3.30
CA GLU A 98 -27.06 4.23 -3.00
C GLU A 98 -25.56 4.02 -2.68
N TYR A 99 -25.25 3.02 -1.85
CA TYR A 99 -23.86 2.76 -1.48
C TYR A 99 -22.97 2.47 -2.69
N ASN A 100 -23.44 1.65 -3.62
CA ASN A 100 -22.60 1.27 -4.76
C ASN A 100 -22.37 2.44 -5.68
N LYS A 101 -23.37 3.31 -5.76
CA LYS A 101 -23.33 4.44 -6.66
C LYS A 101 -22.33 5.45 -6.10
N ILE A 102 -22.43 5.69 -4.80
CA ILE A 102 -21.50 6.55 -4.08
C ILE A 102 -20.05 6.09 -4.23
N LEU A 103 -19.79 4.80 -4.11
CA LEU A 103 -18.43 4.30 -4.28
C LEU A 103 -17.92 4.57 -5.68
N LEU A 104 -18.75 4.33 -6.69
CA LEU A 104 -18.33 4.55 -8.06
C LEU A 104 -18.16 6.05 -8.31
N ASP A 105 -19.03 6.86 -7.73
CA ASP A 105 -18.93 8.31 -7.86
C ASP A 105 -17.63 8.85 -7.28
N MET A 106 -17.25 8.38 -6.08
CA MET A 106 -16.01 8.80 -5.43
C MET A 106 -14.79 8.37 -6.23
N GLU A 107 -14.79 7.12 -6.68
CA GLU A 107 -13.68 6.57 -7.44
C GLU A 107 -13.49 7.28 -8.80
N THR A 108 -14.60 7.52 -9.49
CA THR A 108 -14.57 8.22 -10.77
C THR A 108 -14.09 9.66 -10.58
N THR A 109 -14.64 10.33 -9.58
CA THR A 109 -14.21 11.68 -9.26
C THR A 109 -12.71 11.77 -9.03
N TYR A 110 -12.16 10.86 -8.25
CA TYR A 110 -10.72 10.85 -7.98
C TYR A 110 -9.93 10.67 -9.28
N SER A 111 -10.34 9.71 -10.09
CA SER A 111 -9.53 9.26 -11.22
C SER A 111 -9.55 10.22 -12.42
N VAL A 112 -10.57 11.07 -12.51
CA VAL A 112 -10.64 12.00 -13.65
C VAL A 112 -10.30 13.45 -13.28
N ALA A 113 -10.04 13.72 -12.00
CA ALA A 113 -9.71 15.08 -11.57
C ALA A 113 -8.41 15.57 -12.20
N THR A 114 -8.40 16.83 -12.62
CA THR A 114 -7.21 17.46 -13.15
C THR A 114 -6.95 18.79 -12.47
N VAL A 115 -5.71 19.26 -12.57
CA VAL A 115 -5.28 20.55 -12.03
C VAL A 115 -4.75 21.34 -13.20
N CYS A 116 -5.34 22.50 -13.48
CA CYS A 116 -5.05 23.25 -14.70
C CYS A 116 -4.50 24.62 -14.41
N HIS A 117 -3.58 25.05 -15.27
CA HIS A 117 -3.25 26.47 -15.39
C HIS A 117 -4.37 27.13 -16.21
N PRO A 118 -4.77 28.34 -15.85
CA PRO A 118 -5.85 28.97 -16.61
C PRO A 118 -5.40 29.34 -18.03
N ASN A 119 -4.10 29.50 -18.20
CA ASN A 119 -3.51 29.88 -19.49
C ASN A 119 -3.66 28.74 -20.51
N GLY A 120 -3.24 27.55 -20.11
CA GLY A 120 -3.22 26.41 -21.02
C GLY A 120 -3.41 25.05 -20.36
N SER A 121 -2.31 24.36 -20.15
CA SER A 121 -2.30 22.91 -19.94
C SER A 121 -3.00 22.39 -18.67
N CYS A 122 -3.68 21.24 -18.81
CA CYS A 122 -4.36 20.53 -17.70
C CYS A 122 -3.65 19.23 -17.32
N LEU A 123 -3.19 19.14 -16.07
CA LEU A 123 -2.37 18.02 -15.64
C LEU A 123 -3.18 16.95 -14.90
N GLN A 124 -2.75 15.70 -15.02
CA GLN A 124 -3.32 14.61 -14.24
C GLN A 124 -2.36 14.20 -13.15
N LEU A 125 -2.84 13.36 -12.24
CA LEU A 125 -2.05 12.91 -11.12
C LEU A 125 -0.84 12.11 -11.61
N GLU A 126 -1.11 11.08 -12.38
CA GLU A 126 -0.05 10.24 -12.93
C GLU A 126 -0.07 10.39 -14.44
N PRO A 127 1.07 10.73 -15.05
CA PRO A 127 2.37 10.96 -14.46
C PRO A 127 2.70 12.42 -14.10
N ASP A 128 1.83 13.37 -14.42
CA ASP A 128 2.25 14.78 -14.48
C ASP A 128 2.53 15.37 -13.10
N LEU A 129 1.54 15.33 -12.21
CA LEU A 129 1.67 15.94 -10.88
C LEU A 129 2.68 15.19 -10.01
N THR A 130 2.64 13.86 -10.08
CA THR A 130 3.66 12.98 -9.50
C THR A 130 5.06 13.44 -9.88
N ASN A 131 5.29 13.59 -11.17
CA ASN A 131 6.58 14.01 -11.67
C ASN A 131 6.98 15.40 -11.17
N VAL A 132 6.00 16.30 -11.03
CA VAL A 132 6.26 17.61 -10.44
C VAL A 132 6.71 17.46 -8.97
N MET A 133 6.01 16.64 -8.19
CA MET A 133 6.36 16.49 -6.79
C MET A 133 7.73 15.84 -6.68
N ALA A 134 8.07 14.96 -7.64
CA ALA A 134 9.36 14.26 -7.60
C ALA A 134 10.58 15.10 -8.01
N THR A 135 10.40 16.05 -8.93
CA THR A 135 11.54 16.73 -9.57
C THR A 135 11.68 18.23 -9.31
N SER A 136 10.58 18.95 -9.16
CA SER A 136 10.67 20.39 -8.90
C SER A 136 11.37 20.65 -7.57
N ARG A 137 12.16 21.73 -7.55
CA ARG A 137 12.84 22.17 -6.32
C ARG A 137 12.50 23.63 -6.02
N LYS A 138 11.38 24.05 -6.58
CA LYS A 138 10.82 25.39 -6.37
C LYS A 138 9.62 25.31 -5.44
N TYR A 139 9.75 25.94 -4.29
CA TYR A 139 8.70 25.96 -3.29
C TYR A 139 7.32 26.24 -3.88
N GLU A 140 7.24 27.25 -4.72
CA GLU A 140 5.98 27.74 -5.27
C GLU A 140 5.37 26.76 -6.28
N ASP A 141 6.20 26.16 -7.12
CA ASP A 141 5.73 25.17 -8.09
C ASP A 141 5.25 23.89 -7.37
N LEU A 142 5.96 23.50 -6.31
CA LEU A 142 5.53 22.34 -5.53
C LEU A 142 4.23 22.66 -4.86
N LEU A 143 4.12 23.91 -4.41
CA LEU A 143 2.92 24.33 -3.70
C LEU A 143 1.69 24.31 -4.59
N TRP A 144 1.86 24.80 -5.80
CA TRP A 144 0.80 24.84 -6.80
C TRP A 144 0.23 23.43 -7.04
N ALA A 145 1.11 22.43 -7.17
CA ALA A 145 0.69 21.05 -7.40
C ALA A 145 0.02 20.44 -6.16
N TRP A 146 0.60 20.70 -5.00
CA TRP A 146 0.12 20.12 -3.75
C TRP A 146 -1.26 20.65 -3.42
N GLU A 147 -1.42 21.96 -3.48
CA GLU A 147 -2.70 22.61 -3.20
C GLU A 147 -3.74 22.31 -4.30
N GLY A 148 -3.32 22.36 -5.55
CA GLY A 148 -4.23 22.19 -6.68
C GLY A 148 -4.83 20.81 -6.66
N TRP A 149 -3.98 19.81 -6.47
CA TRP A 149 -4.47 18.47 -6.28
C TRP A 149 -5.56 18.37 -5.20
N ARG A 150 -5.30 18.96 -4.04
CA ARG A 150 -6.26 18.94 -2.92
C ARG A 150 -7.54 19.75 -3.19
N ASP A 151 -7.40 20.88 -3.92
CA ASP A 151 -8.54 21.71 -4.30
C ASP A 151 -9.50 20.98 -5.24
N LYS A 152 -8.95 20.14 -6.11
CA LYS A 152 -9.73 19.44 -7.13
C LYS A 152 -10.25 18.07 -6.69
N ALA A 153 -9.37 17.19 -6.20
CA ALA A 153 -9.80 15.85 -5.77
C ALA A 153 -10.38 15.83 -4.36
N GLY A 154 -9.67 16.45 -3.42
CA GLY A 154 -10.10 16.47 -2.02
C GLY A 154 -11.43 17.14 -1.80
N ARG A 155 -11.58 18.37 -2.26
CA ARG A 155 -12.81 19.11 -2.03
C ARG A 155 -14.01 18.46 -2.74
N ALA A 156 -13.76 17.79 -3.86
CA ALA A 156 -14.84 17.18 -4.65
C ALA A 156 -15.32 15.86 -4.06
N ILE A 157 -14.48 15.21 -3.25
CA ILE A 157 -14.89 14.00 -2.54
C ILE A 157 -15.71 14.27 -1.27
N LEU A 158 -15.55 15.46 -0.69
CA LEU A 158 -16.18 15.76 0.60
C LEU A 158 -17.71 15.56 0.60
N GLN A 159 -18.35 15.84 -0.53
CA GLN A 159 -19.81 15.75 -0.63
C GLN A 159 -20.36 14.33 -0.48
N PHE A 160 -19.54 13.33 -0.84
CA PHE A 160 -19.94 11.93 -0.72
C PHE A 160 -19.67 11.30 0.67
N TYR A 161 -18.64 11.76 1.35
CA TYR A 161 -18.06 10.97 2.43
C TYR A 161 -19.00 10.73 3.60
N PRO A 162 -19.63 11.76 4.17
CA PRO A 162 -20.51 11.45 5.32
C PRO A 162 -21.52 10.33 5.02
N LYS A 163 -22.10 10.32 3.81
CA LYS A 163 -23.09 9.30 3.45
C LYS A 163 -22.44 7.89 3.27
N TYR A 164 -21.28 7.86 2.62
CA TYR A 164 -20.48 6.65 2.57
C TYR A 164 -20.25 6.05 3.94
N VAL A 165 -19.85 6.90 4.90
CA VAL A 165 -19.56 6.48 6.27
C VAL A 165 -20.80 5.91 6.95
N GLU A 166 -21.92 6.53 6.67
CA GLU A 166 -23.18 6.11 7.22
C GLU A 166 -23.53 4.72 6.70
N LEU A 167 -23.44 4.52 5.40
CA LEU A 167 -23.84 3.24 4.81
C LEU A 167 -22.85 2.11 5.09
N ILE A 168 -21.55 2.42 5.09
CA ILE A 168 -20.58 1.37 5.35
C ILE A 168 -20.70 0.90 6.83
N ASN A 169 -21.02 1.83 7.73
CA ASN A 169 -21.26 1.49 9.13
C ASN A 169 -22.56 0.68 9.28
N GLN A 170 -23.61 1.07 8.57
CA GLN A 170 -24.87 0.32 8.60
C GLN A 170 -24.59 -1.13 8.21
N ALA A 171 -23.96 -1.31 7.07
CA ALA A 171 -23.58 -2.64 6.61
C ALA A 171 -22.85 -3.42 7.69
N ALA A 172 -21.92 -2.78 8.39
CA ALA A 172 -21.08 -3.51 9.32
C ALA A 172 -21.88 -3.93 10.56
N ARG A 173 -22.71 -3.02 11.06
CA ARG A 173 -23.58 -3.29 12.19
C ARG A 173 -24.53 -4.44 11.86
N LEU A 174 -25.08 -4.45 10.64
CA LEU A 174 -25.95 -5.54 10.21
C LEU A 174 -25.21 -6.88 10.05
N ASN A 175 -23.89 -6.83 9.95
CA ASN A 175 -23.10 -8.07 9.94
C ASN A 175 -22.51 -8.42 11.30
N GLY A 176 -23.01 -7.76 12.34
CA GLY A 176 -22.63 -8.09 13.72
C GLY A 176 -21.49 -7.30 14.32
N TYR A 177 -20.93 -6.36 13.56
CA TYR A 177 -19.83 -5.50 14.07
C TYR A 177 -20.38 -4.24 14.69
N VAL A 178 -19.56 -3.47 15.37
CA VAL A 178 -20.09 -2.23 15.98
C VAL A 178 -19.95 -1.05 15.02
N ASP A 179 -19.01 -1.14 14.09
CA ASP A 179 -18.89 -0.15 13.01
C ASP A 179 -17.90 -0.70 11.96
N ALA A 180 -17.64 0.06 10.91
CA ALA A 180 -16.80 -0.44 9.82
C ALA A 180 -15.34 -0.65 10.21
N GLY A 181 -14.81 0.20 11.09
CA GLY A 181 -13.42 0.09 11.52
C GLY A 181 -13.25 -1.20 12.29
N ASP A 182 -14.20 -1.46 13.16
CA ASP A 182 -14.28 -2.72 13.87
C ASP A 182 -14.19 -3.92 12.90
N SER A 183 -15.00 -3.88 11.85
CA SER A 183 -14.99 -4.97 10.85
C SER A 183 -13.64 -5.15 10.12
N TRP A 184 -13.00 -4.04 9.75
CA TRP A 184 -11.69 -4.06 9.09
C TRP A 184 -10.58 -4.61 9.98
N ARG A 185 -10.62 -4.30 11.28
CA ARG A 185 -9.61 -4.81 12.20
C ARG A 185 -9.76 -6.34 12.36
N SER A 186 -11.01 -6.81 12.26
CA SER A 186 -11.33 -8.24 12.45
C SER A 186 -10.65 -9.13 11.43
N MET A 187 -10.32 -8.56 10.27
CA MET A 187 -9.60 -9.28 9.21
C MET A 187 -8.25 -9.87 9.71
N TYR A 188 -7.67 -9.28 10.74
CA TYR A 188 -6.40 -9.76 11.30
C TYR A 188 -6.56 -10.86 12.37
N GLU A 189 -7.78 -11.06 12.87
CA GLU A 189 -8.05 -12.09 13.91
C GLU A 189 -7.07 -12.00 15.08
N THR A 190 -6.86 -10.80 15.57
CA THR A 190 -5.85 -10.51 16.57
C THR A 190 -6.41 -9.45 17.55
N PRO A 191 -7.06 -9.92 18.64
CA PRO A 191 -7.66 -9.06 19.67
C PRO A 191 -6.71 -7.99 20.22
N SER A 192 -5.43 -8.32 20.32
CA SER A 192 -4.42 -7.35 20.74
C SER A 192 -3.90 -6.42 19.63
N LEU A 193 -4.58 -6.35 18.48
CA LEU A 193 -4.05 -5.64 17.31
C LEU A 193 -3.65 -4.19 17.59
N GLU A 194 -4.53 -3.39 18.19
CA GLU A 194 -4.24 -1.97 18.38
C GLU A 194 -2.99 -1.75 19.21
N GLN A 195 -2.90 -2.45 20.34
CA GLN A 195 -1.74 -2.44 21.22
C GLN A 195 -0.49 -2.94 20.48
N ASP A 196 -0.65 -3.97 19.65
CA ASP A 196 0.50 -4.54 18.95
C ASP A 196 1.05 -3.51 17.98
N LEU A 197 0.15 -2.87 17.23
CA LEU A 197 0.57 -1.92 16.20
C LEU A 197 1.23 -0.70 16.82
N GLU A 198 0.69 -0.26 17.95
CA GLU A 198 1.23 0.86 18.73
C GLU A 198 2.65 0.53 19.24
N ARG A 199 2.81 -0.64 19.88
CA ARG A 199 4.13 -1.09 20.33
C ARG A 199 5.14 -1.02 19.19
N LEU A 200 4.75 -1.58 18.05
CA LEU A 200 5.57 -1.58 16.85
C LEU A 200 5.89 -0.16 16.36
N PHE A 201 4.91 0.73 16.42
CA PHE A 201 5.14 2.11 16.00
C PHE A 201 6.14 2.78 16.94
N GLN A 202 6.02 2.52 18.23
CA GLN A 202 6.94 3.14 19.19
C GLN A 202 8.37 2.66 18.97
N GLU A 203 8.55 1.40 18.61
CA GLU A 203 9.90 0.85 18.40
C GLU A 203 10.70 1.52 17.28
N LEU A 204 9.98 2.08 16.29
CA LEU A 204 10.60 2.72 15.15
C LEU A 204 10.75 4.24 15.27
N GLN A 205 10.35 4.80 16.41
CA GLN A 205 10.45 6.23 16.65
C GLN A 205 11.88 6.80 16.67
N PRO A 206 12.81 6.08 17.29
CA PRO A 206 14.20 6.56 17.27
C PRO A 206 14.70 6.79 15.85
N LEU A 207 14.43 5.82 15.00
CA LEU A 207 14.91 5.84 13.65
C LEU A 207 14.16 6.90 12.82
N TYR A 208 12.84 6.98 13.01
CA TYR A 208 12.05 7.97 12.29
C TYR A 208 12.36 9.42 12.74
N LEU A 209 12.46 9.67 14.04
CA LEU A 209 12.70 11.05 14.49
C LEU A 209 14.10 11.56 14.07
N ASN A 210 15.06 10.64 14.08
CA ASN A 210 16.41 10.94 13.61
C ASN A 210 16.45 11.17 12.11
N LEU A 211 15.68 10.39 11.37
CA LEU A 211 15.59 10.60 9.93
C LEU A 211 14.94 11.94 9.64
N HIS A 212 13.84 12.20 10.34
CA HIS A 212 13.05 13.43 10.19
C HIS A 212 13.89 14.67 10.43
N ALA A 213 14.67 14.67 11.51
CA ALA A 213 15.53 15.81 11.81
C ALA A 213 16.61 16.02 10.77
N TYR A 214 17.21 14.93 10.30
CA TYR A 214 18.23 15.06 9.28
C TYR A 214 17.68 15.67 7.97
N VAL A 215 16.54 15.16 7.51
CA VAL A 215 15.89 15.67 6.29
C VAL A 215 15.46 17.15 6.42
N ARG A 216 14.89 17.48 7.57
CA ARG A 216 14.52 18.85 7.90
C ARG A 216 15.72 19.79 7.78
N ARG A 217 16.87 19.35 8.30
CA ARG A 217 18.11 20.11 8.21
C ARG A 217 18.45 20.36 6.75
N ALA A 218 18.46 19.30 5.93
CA ALA A 218 18.80 19.45 4.51
C ALA A 218 17.77 20.30 3.74
N LEU A 219 16.51 20.25 4.17
CA LEU A 219 15.51 21.16 3.61
C LEU A 219 15.79 22.62 3.96
N HIS A 220 16.14 22.87 5.22
CA HIS A 220 16.58 24.17 5.70
C HIS A 220 17.68 24.74 4.81
N ARG A 221 18.63 23.87 4.45
CA ARG A 221 19.78 24.23 3.64
C ARG A 221 19.35 24.73 2.25
N HIS A 222 18.34 24.08 1.67
CA HIS A 222 17.98 24.31 0.27
C HIS A 222 16.89 25.35 0.04
N TYR A 223 15.81 25.27 0.82
CA TYR A 223 14.68 26.19 0.70
C TYR A 223 14.79 27.40 1.62
N GLY A 224 15.79 27.41 2.49
CA GLY A 224 16.04 28.56 3.35
C GLY A 224 15.40 28.59 4.73
N ALA A 225 16.13 29.24 5.64
CA ALA A 225 15.76 29.39 7.04
C ALA A 225 14.40 30.04 7.30
N GLN A 226 14.01 31.00 6.47
CA GLN A 226 12.69 31.63 6.61
C GLN A 226 11.51 30.71 6.27
N HIS A 227 11.81 29.56 5.68
CA HIS A 227 10.77 28.59 5.28
C HIS A 227 10.88 27.24 5.97
N ILE A 228 11.88 27.07 6.84
CA ILE A 228 12.02 25.82 7.60
C ILE A 228 12.34 26.16 9.04
N ASN A 229 11.52 25.69 9.95
CA ASN A 229 11.81 25.81 11.37
C ASN A 229 12.43 24.52 11.88
N LEU A 230 13.67 24.58 12.35
CA LEU A 230 14.42 23.39 12.73
C LEU A 230 13.93 22.71 13.99
N GLU A 231 12.96 23.32 14.68
CA GLU A 231 12.34 22.72 15.85
C GLU A 231 10.86 22.47 15.60
N GLY A 232 10.45 22.61 14.36
CA GLY A 232 9.06 22.49 14.00
C GLY A 232 8.85 21.42 12.97
N PRO A 233 7.59 21.22 12.60
CA PRO A 233 7.24 20.22 11.60
C PRO A 233 7.57 20.68 10.18
N ILE A 234 7.77 19.69 9.31
CA ILE A 234 8.19 19.91 7.91
C ILE A 234 6.95 20.20 7.08
N PRO A 235 7.03 21.17 6.14
CA PRO A 235 5.87 21.39 5.29
C PRO A 235 5.66 20.23 4.32
N ALA A 236 4.40 19.80 4.22
CA ALA A 236 4.03 18.51 3.61
C ALA A 236 4.31 18.36 2.13
N HIS A 237 4.77 19.42 1.48
CA HIS A 237 4.93 19.44 0.03
C HIS A 237 6.39 19.40 -0.45
N LEU A 238 7.34 19.23 0.46
CA LEU A 238 8.75 19.29 0.11
C LEU A 238 9.45 17.92 0.07
N LEU A 239 8.69 16.84 0.34
CA LEU A 239 9.27 15.51 0.45
C LEU A 239 9.27 14.66 -0.83
N GLY A 240 9.00 15.25 -1.99
CA GLY A 240 9.16 14.52 -3.26
C GLY A 240 7.98 13.63 -3.66
N ASN A 241 6.96 13.63 -2.81
CA ASN A 241 5.79 12.78 -3.01
C ASN A 241 4.54 13.58 -2.66
N MET A 242 3.46 13.31 -3.39
CA MET A 242 2.22 14.08 -3.22
C MET A 242 1.64 14.00 -1.80
N TRP A 243 1.83 12.87 -1.13
CA TRP A 243 1.30 12.67 0.21
C TRP A 243 2.37 12.64 1.29
N ALA A 244 3.63 12.93 0.92
CA ALA A 244 4.75 12.84 1.85
C ALA A 244 4.85 11.49 2.53
N GLN A 245 4.47 10.43 1.80
CA GLN A 245 4.45 9.08 2.38
C GLN A 245 5.76 8.35 2.16
N THR A 246 6.47 8.68 1.09
CA THR A 246 7.83 8.19 0.86
C THR A 246 8.65 9.37 0.40
N TRP A 247 9.90 9.44 0.81
CA TRP A 247 10.71 10.63 0.61
C TRP A 247 11.91 10.41 -0.32
N SER A 248 12.03 9.23 -0.93
CA SER A 248 13.26 8.88 -1.68
C SER A 248 13.57 9.80 -2.86
N ASN A 249 12.56 10.46 -3.42
CA ASN A 249 12.77 11.40 -4.53
C ASN A 249 13.50 12.69 -4.19
N ILE A 250 13.67 12.99 -2.92
CA ILE A 250 14.53 14.09 -2.52
C ILE A 250 15.89 13.60 -2.05
N TYR A 251 16.26 12.37 -2.42
CA TYR A 251 17.61 11.87 -2.14
C TYR A 251 18.71 12.87 -2.54
N ASP A 252 18.56 13.51 -3.69
CA ASP A 252 19.54 14.52 -4.15
C ASP A 252 19.78 15.67 -3.17
N LEU A 253 18.77 16.02 -2.38
CA LEU A 253 18.90 17.06 -1.34
C LEU A 253 19.48 16.55 -0.03
N VAL A 254 19.46 15.24 0.19
CA VAL A 254 19.86 14.71 1.49
C VAL A 254 21.02 13.74 1.46
N VAL A 255 21.70 13.62 0.33
CA VAL A 255 22.69 12.58 0.18
C VAL A 255 23.78 12.73 1.25
N PRO A 256 23.99 11.68 2.07
CA PRO A 256 24.97 11.71 3.15
C PRO A 256 26.39 12.01 2.66
N PHE A 257 26.82 11.31 1.63
CA PHE A 257 28.14 11.50 1.00
C PHE A 257 28.03 11.84 -0.49
N PRO A 258 27.99 13.15 -0.81
CA PRO A 258 27.95 13.63 -2.20
C PRO A 258 29.17 13.19 -3.03
N SER A 259 30.29 12.92 -2.36
CA SER A 259 31.51 12.45 -3.05
C SER A 259 31.38 11.02 -3.56
N ALA A 260 30.34 10.30 -3.09
CA ALA A 260 30.03 8.94 -3.56
C ALA A 260 28.72 8.95 -4.35
N PRO A 261 28.73 9.54 -5.56
CA PRO A 261 27.49 9.73 -6.30
C PRO A 261 26.99 8.43 -6.92
N SER A 262 25.69 8.35 -7.16
CA SER A 262 25.07 7.19 -7.82
C SER A 262 24.68 7.51 -9.25
N MET A 263 24.70 6.50 -10.11
CA MET A 263 24.21 6.63 -11.50
C MET A 263 22.75 7.07 -11.52
N ASP A 264 22.42 7.93 -12.47
CA ASP A 264 21.03 8.32 -12.70
C ASP A 264 20.28 7.10 -13.28
N THR A 265 19.61 6.37 -12.40
CA THR A 265 18.91 5.14 -12.78
C THR A 265 17.80 5.33 -13.83
N THR A 266 17.12 6.47 -13.79
CA THR A 266 16.08 6.77 -14.79
C THR A 266 16.74 6.95 -16.15
N GLU A 267 17.68 7.89 -16.24
CA GLU A 267 18.54 8.02 -17.43
C GLU A 267 19.04 6.62 -17.87
N ALA A 268 19.47 5.79 -16.94
CA ALA A 268 20.08 4.49 -17.29
C ALA A 268 19.08 3.49 -17.89
N MET A 269 17.91 3.39 -17.29
CA MET A 269 16.85 2.52 -17.82
C MET A 269 16.37 2.97 -19.22
N LEU A 270 16.15 4.27 -19.39
CA LEU A 270 15.70 4.82 -20.67
C LEU A 270 16.72 4.58 -21.76
N LYS A 271 17.96 4.99 -21.51
CA LYS A 271 19.08 4.80 -22.46
C LYS A 271 19.31 3.34 -22.89
N GLN A 272 18.99 2.38 -22.04
CA GLN A 272 19.20 0.98 -22.36
C GLN A 272 17.97 0.26 -22.88
N GLY A 273 16.88 1.00 -23.11
CA GLY A 273 15.68 0.41 -23.69
C GLY A 273 14.93 -0.53 -22.75
N TRP A 274 14.61 -0.01 -21.57
CA TRP A 274 13.71 -0.69 -20.66
C TRP A 274 12.33 -0.15 -20.93
N THR A 275 11.37 -1.06 -21.04
CA THR A 275 9.97 -0.76 -21.26
C THR A 275 9.20 -1.21 -20.03
N PRO A 276 7.94 -0.77 -19.87
CA PRO A 276 7.17 -1.36 -18.79
C PRO A 276 7.15 -2.88 -18.84
N ARG A 277 7.01 -3.47 -20.02
CA ARG A 277 7.01 -4.92 -20.19
C ARG A 277 8.30 -5.60 -19.72
N ARG A 278 9.45 -4.99 -20.01
CA ARG A 278 10.72 -5.56 -19.57
C ARG A 278 10.86 -5.55 -18.04
N MET A 279 10.23 -4.60 -17.38
CA MET A 279 10.30 -4.46 -15.94
C MET A 279 9.53 -5.59 -15.24
N PHE A 280 8.43 -6.03 -15.85
CA PHE A 280 7.67 -7.17 -15.32
C PHE A 280 8.34 -8.51 -15.65
N LYS A 281 8.95 -8.62 -16.83
CA LYS A 281 9.72 -9.84 -17.17
C LYS A 281 10.83 -10.05 -16.15
N GLU A 282 11.51 -8.96 -15.77
CA GLU A 282 12.60 -9.06 -14.81
C GLU A 282 12.10 -9.49 -13.41
N ALA A 283 10.98 -8.94 -12.95
CA ALA A 283 10.37 -9.43 -11.71
C ALA A 283 9.94 -10.89 -11.82
N ASP A 284 9.33 -11.25 -12.94
CA ASP A 284 8.96 -12.64 -13.22
C ASP A 284 10.18 -13.59 -13.10
N ASP A 285 11.35 -13.11 -13.49
CA ASP A 285 12.58 -13.91 -13.45
C ASP A 285 13.08 -14.08 -12.02
N PHE A 286 12.93 -13.05 -11.20
CA PHE A 286 13.35 -13.15 -9.82
C PHE A 286 12.52 -14.27 -9.17
N PHE A 287 11.21 -14.18 -9.29
CA PHE A 287 10.33 -15.20 -8.75
C PHE A 287 10.71 -16.59 -9.24
N THR A 288 10.93 -16.77 -10.54
CA THR A 288 11.24 -18.13 -11.01
C THR A 288 12.62 -18.58 -10.52
N SER A 289 13.55 -17.63 -10.33
CA SER A 289 14.88 -17.97 -9.78
C SER A 289 14.80 -18.59 -8.40
N LEU A 290 13.76 -18.25 -7.66
CA LEU A 290 13.54 -18.78 -6.30
C LEU A 290 12.85 -20.15 -6.32
N GLY A 291 12.39 -20.60 -7.48
CA GLY A 291 11.64 -21.85 -7.57
C GLY A 291 10.14 -21.64 -7.51
N LEU A 292 9.73 -20.36 -7.53
CA LEU A 292 8.32 -20.00 -7.46
C LEU A 292 7.73 -19.98 -8.87
N LEU A 293 6.42 -19.79 -8.99
CA LEU A 293 5.73 -20.01 -10.24
C LEU A 293 5.90 -18.84 -11.20
N PRO A 294 5.95 -19.15 -12.52
CA PRO A 294 5.93 -18.11 -13.55
C PRO A 294 4.50 -17.65 -13.81
N VAL A 295 4.33 -16.39 -14.21
CA VAL A 295 3.02 -15.91 -14.60
C VAL A 295 2.60 -16.60 -15.90
N PRO A 296 1.30 -16.93 -16.04
CA PRO A 296 0.89 -17.68 -17.23
C PRO A 296 0.97 -16.81 -18.49
N PRO A 297 1.00 -17.44 -19.68
CA PRO A 297 0.93 -16.69 -20.92
C PRO A 297 -0.22 -15.66 -20.97
N GLU A 298 -1.38 -16.05 -20.45
CA GLU A 298 -2.57 -15.19 -20.45
C GLU A 298 -2.32 -13.83 -19.77
N PHE A 299 -1.45 -13.81 -18.76
CA PHE A 299 -1.12 -12.60 -18.01
C PHE A 299 -0.62 -11.47 -18.91
N TRP A 300 0.20 -11.83 -19.90
CA TRP A 300 0.82 -10.85 -20.81
C TRP A 300 -0.16 -10.31 -21.86
N ASN A 301 -1.09 -11.17 -22.29
CA ASN A 301 -2.08 -10.82 -23.32
C ASN A 301 -3.14 -9.88 -22.79
N LYS A 302 -3.47 -9.99 -21.50
CA LYS A 302 -4.62 -9.29 -20.94
C LYS A 302 -4.30 -8.19 -19.92
N SER A 303 -3.06 -8.13 -19.43
CA SER A 303 -2.74 -7.10 -18.43
C SER A 303 -2.57 -5.75 -19.10
N MET A 304 -2.85 -4.70 -18.33
CA MET A 304 -2.62 -3.32 -18.75
C MET A 304 -1.37 -2.81 -18.02
N LEU A 305 -0.23 -2.94 -18.68
CA LEU A 305 1.08 -2.61 -18.08
C LEU A 305 1.54 -1.17 -18.31
N GLU A 306 0.80 -0.40 -19.10
CA GLU A 306 1.04 1.05 -19.18
C GLU A 306 -0.26 1.84 -19.33
N LYS A 307 -0.18 3.14 -19.13
CA LYS A 307 -1.30 4.03 -19.35
C LYS A 307 -1.60 4.08 -20.84
N PRO A 308 -2.87 3.87 -21.23
CA PRO A 308 -3.18 3.90 -22.66
C PRO A 308 -2.90 5.26 -23.31
N THR A 309 -2.57 5.22 -24.59
CA THR A 309 -2.27 6.43 -25.38
C THR A 309 -3.47 6.75 -26.27
N ASP A 310 -4.64 6.43 -25.73
CA ASP A 310 -5.81 6.05 -26.50
C ASP A 310 -6.98 7.02 -26.31
N GLY A 311 -6.80 8.03 -25.47
CA GLY A 311 -7.91 8.83 -24.99
C GLY A 311 -8.53 8.21 -23.73
N ARG A 312 -8.76 6.89 -23.79
CA ARG A 312 -9.33 6.13 -22.67
C ARG A 312 -9.00 6.70 -21.29
N GLU A 313 -10.04 6.94 -20.51
CA GLU A 313 -9.88 7.26 -19.10
C GLU A 313 -9.80 5.95 -18.29
N VAL A 314 -8.80 5.82 -17.41
CA VAL A 314 -8.61 4.59 -16.62
C VAL A 314 -8.32 4.95 -15.17
N VAL A 315 -8.36 3.93 -14.31
CA VAL A 315 -7.94 4.08 -12.91
C VAL A 315 -6.47 3.69 -12.86
N CYS A 316 -5.61 4.62 -12.47
CA CYS A 316 -4.17 4.43 -12.62
C CYS A 316 -3.46 3.76 -11.45
N HIS A 317 -4.08 3.74 -10.28
CA HIS A 317 -3.44 3.15 -9.11
C HIS A 317 -3.05 1.68 -9.36
N ALA A 318 -1.75 1.40 -9.19
CA ALA A 318 -1.21 0.07 -9.41
C ALA A 318 -1.98 -0.99 -8.62
N SER A 319 -2.42 -2.05 -9.31
CA SER A 319 -3.16 -3.12 -8.63
C SER A 319 -3.14 -4.44 -9.41
N ALA A 320 -3.44 -5.52 -8.70
CA ALA A 320 -3.36 -6.89 -9.24
C ALA A 320 -4.70 -7.58 -9.10
N TRP A 321 -5.00 -8.48 -10.04
CA TRP A 321 -6.35 -9.01 -10.17
C TRP A 321 -6.38 -10.55 -10.24
N ASP A 322 -7.25 -11.12 -9.42
CA ASP A 322 -7.56 -12.54 -9.47
C ASP A 322 -8.97 -12.66 -10.04
N PHE A 323 -9.12 -13.49 -11.06
CA PHE A 323 -10.42 -13.70 -11.70
C PHE A 323 -11.11 -14.97 -11.23
N TYR A 324 -10.48 -15.66 -10.27
CA TYR A 324 -11.11 -16.78 -9.56
C TYR A 324 -11.50 -17.97 -10.44
N ASN A 325 -10.73 -18.23 -11.49
CA ASN A 325 -10.79 -19.49 -12.24
C ASN A 325 -9.49 -20.28 -12.11
N GLY A 326 -8.50 -19.67 -11.46
CA GLY A 326 -7.22 -20.31 -11.22
C GLY A 326 -6.25 -20.24 -12.38
N LYS A 327 -6.59 -19.46 -13.42
CA LYS A 327 -5.75 -19.30 -14.62
C LYS A 327 -5.55 -17.87 -15.10
N ASP A 328 -6.52 -17.00 -14.82
CA ASP A 328 -6.53 -15.64 -15.34
C ASP A 328 -6.18 -14.68 -14.22
N PHE A 329 -4.95 -14.19 -14.26
CA PHE A 329 -4.45 -13.20 -13.31
C PHE A 329 -3.87 -12.03 -14.10
N ARG A 330 -4.05 -10.81 -13.59
CA ARG A 330 -3.65 -9.62 -14.33
C ARG A 330 -3.15 -8.53 -13.42
N ILE A 331 -2.29 -7.69 -13.99
CA ILE A 331 -1.89 -6.43 -13.37
C ILE A 331 -2.44 -5.26 -14.20
N LYS A 332 -2.88 -4.22 -13.50
CA LYS A 332 -3.20 -2.93 -14.11
C LYS A 332 -2.32 -1.88 -13.43
N GLN A 333 -1.43 -1.27 -14.21
CA GLN A 333 -0.52 -0.25 -13.70
C GLN A 333 -0.19 0.74 -14.79
N CYS A 334 -0.16 2.03 -14.44
CA CYS A 334 0.28 3.07 -15.36
C CYS A 334 1.79 3.27 -15.20
N THR A 335 2.53 2.28 -15.69
CA THR A 335 3.95 2.16 -15.42
C THR A 335 4.76 3.23 -16.12
N THR A 336 5.62 3.90 -15.37
CA THR A 336 6.61 4.81 -15.90
C THR A 336 7.97 4.15 -15.78
N VAL A 337 8.85 4.39 -16.76
CA VAL A 337 10.14 3.72 -16.79
C VAL A 337 11.10 4.40 -15.81
N ASN A 338 11.11 3.91 -14.58
CA ASN A 338 12.04 4.36 -13.56
C ASN A 338 12.18 3.33 -12.46
N LEU A 339 13.08 3.61 -11.52
CA LEU A 339 13.42 2.67 -10.48
C LEU A 339 12.27 2.50 -9.52
N GLU A 340 11.56 3.60 -9.22
CA GLU A 340 10.44 3.55 -8.27
C GLU A 340 9.36 2.59 -8.77
N ASP A 341 9.06 2.63 -10.06
CA ASP A 341 8.05 1.74 -10.61
C ASP A 341 8.55 0.31 -10.85
N LEU A 342 9.88 0.12 -10.86
CA LEU A 342 10.45 -1.23 -10.92
C LEU A 342 10.12 -1.96 -9.61
N VAL A 343 10.21 -1.23 -8.52
CA VAL A 343 9.84 -1.73 -7.20
C VAL A 343 8.33 -2.03 -7.18
N VAL A 344 7.51 -1.08 -7.63
CA VAL A 344 6.05 -1.30 -7.72
C VAL A 344 5.71 -2.54 -8.56
N ALA A 345 6.38 -2.73 -9.69
CA ALA A 345 6.16 -3.93 -10.50
C ALA A 345 6.38 -5.22 -9.69
N HIS A 346 7.43 -5.26 -8.88
CA HIS A 346 7.73 -6.42 -8.03
C HIS A 346 6.65 -6.65 -6.97
N HIS A 347 6.20 -5.55 -6.37
CA HIS A 347 5.16 -5.55 -5.37
C HIS A 347 3.91 -6.19 -5.96
N GLU A 348 3.50 -5.70 -7.13
CA GLU A 348 2.31 -6.21 -7.80
C GLU A 348 2.50 -7.65 -8.23
N MET A 349 3.66 -8.00 -8.78
CA MET A 349 3.92 -9.38 -9.12
C MET A 349 3.88 -10.33 -7.91
N GLY A 350 4.15 -9.79 -6.72
CA GLY A 350 3.99 -10.56 -5.49
C GLY A 350 2.54 -10.96 -5.26
N HIS A 351 1.62 -10.05 -5.52
CA HIS A 351 0.19 -10.36 -5.48
C HIS A 351 -0.17 -11.51 -6.40
N ILE A 352 0.31 -11.42 -7.62
CA ILE A 352 0.06 -12.44 -8.63
C ILE A 352 0.60 -13.80 -8.18
N GLN A 353 1.77 -13.81 -7.53
CA GLN A 353 2.37 -15.08 -7.09
C GLN A 353 1.52 -15.67 -5.96
N TYR A 354 0.97 -14.79 -5.13
CA TYR A 354 0.14 -15.23 -4.03
C TYR A 354 -1.12 -15.88 -4.61
N PHE A 355 -1.67 -15.29 -5.68
CA PHE A 355 -2.87 -15.83 -6.34
C PHE A 355 -2.58 -17.23 -6.85
N MET A 356 -1.49 -17.34 -7.59
CA MET A 356 -1.09 -18.61 -8.17
C MET A 356 -0.81 -19.66 -7.13
N GLN A 357 -0.22 -19.27 -6.00
CA GLN A 357 0.13 -20.23 -4.96
C GLN A 357 -1.10 -20.83 -4.28
N TYR A 358 -2.16 -20.05 -4.03
CA TYR A 358 -3.35 -20.57 -3.35
C TYR A 358 -4.56 -20.86 -4.22
N LYS A 359 -4.34 -21.06 -5.51
CA LYS A 359 -5.45 -21.22 -6.45
C LYS A 359 -6.27 -22.51 -6.28
N ASP A 360 -5.73 -23.51 -5.60
CA ASP A 360 -6.44 -24.79 -5.36
C ASP A 360 -7.32 -24.78 -4.10
N LEU A 361 -7.22 -23.74 -3.29
CA LEU A 361 -8.06 -23.66 -2.11
C LEU A 361 -9.47 -23.23 -2.50
N PRO A 362 -10.44 -23.57 -1.64
CA PRO A 362 -11.77 -22.97 -1.77
C PRO A 362 -11.61 -21.45 -1.91
N VAL A 363 -12.41 -20.86 -2.80
CA VAL A 363 -12.36 -19.42 -3.08
C VAL A 363 -12.42 -18.52 -1.82
N ALA A 364 -13.13 -18.98 -0.80
CA ALA A 364 -13.27 -18.21 0.46
C ALA A 364 -11.97 -18.08 1.23
N LEU A 365 -11.06 -19.04 1.03
CA LEU A 365 -9.77 -19.04 1.70
C LEU A 365 -8.67 -18.49 0.78
N ARG A 366 -9.07 -17.99 -0.39
CA ARG A 366 -8.12 -17.41 -1.34
C ARG A 366 -7.85 -15.94 -1.03
N GLU A 367 -7.12 -15.71 0.06
CA GLU A 367 -6.55 -14.41 0.38
C GLU A 367 -5.36 -14.60 1.32
N GLY A 368 -4.69 -13.52 1.67
CA GLY A 368 -3.46 -13.62 2.46
C GLY A 368 -3.71 -14.16 3.85
N ALA A 369 -2.65 -14.58 4.52
CA ALA A 369 -2.78 -15.05 5.90
C ALA A 369 -3.41 -13.91 6.69
N ASN A 370 -2.94 -12.70 6.41
CA ASN A 370 -3.69 -11.49 6.70
C ASN A 370 -3.38 -10.52 5.55
N PRO A 371 -4.12 -9.41 5.43
CA PRO A 371 -3.86 -8.46 4.36
C PRO A 371 -2.42 -7.93 4.26
N GLY A 372 -1.71 -7.87 5.38
CA GLY A 372 -0.31 -7.45 5.37
C GLY A 372 0.60 -8.43 4.67
N PHE A 373 0.33 -9.71 4.83
CA PHE A 373 1.07 -10.73 4.11
C PHE A 373 0.95 -10.55 2.59
N HIS A 374 -0.23 -10.18 2.12
CA HIS A 374 -0.45 -10.08 0.67
C HIS A 374 0.40 -8.96 0.08
N GLU A 375 0.56 -7.88 0.85
CA GLU A 375 1.30 -6.72 0.40
C GLU A 375 2.81 -6.89 0.59
N ALA A 376 3.21 -7.91 1.34
CA ALA A 376 4.60 -8.05 1.75
C ALA A 376 5.43 -8.83 0.74
N ILE A 377 4.82 -9.78 0.02
CA ILE A 377 5.58 -10.74 -0.76
C ILE A 377 6.46 -10.05 -1.82
N GLY A 378 5.84 -9.24 -2.67
CA GLY A 378 6.58 -8.55 -3.71
C GLY A 378 7.69 -7.72 -3.12
N ASP A 379 7.34 -6.96 -2.09
CA ASP A 379 8.29 -6.08 -1.43
C ASP A 379 9.49 -6.80 -0.90
N VAL A 380 9.33 -8.05 -0.48
CA VAL A 380 10.47 -8.80 0.04
C VAL A 380 11.51 -8.99 -1.05
N LEU A 381 11.07 -9.42 -2.23
CA LEU A 381 11.98 -9.62 -3.36
C LEU A 381 12.59 -8.28 -3.81
N ALA A 382 11.77 -7.25 -3.87
CA ALA A 382 12.25 -5.89 -4.16
C ALA A 382 13.39 -5.40 -3.26
N LEU A 383 13.41 -5.85 -2.01
CA LEU A 383 14.51 -5.49 -1.10
C LEU A 383 15.85 -6.01 -1.64
N SER A 384 15.85 -7.24 -2.12
CA SER A 384 17.02 -7.82 -2.77
C SER A 384 17.34 -7.15 -4.12
N VAL A 385 16.33 -6.95 -4.95
CA VAL A 385 16.50 -6.30 -6.25
C VAL A 385 17.15 -4.93 -6.08
N SER A 386 16.76 -4.25 -4.99
CA SER A 386 17.17 -2.88 -4.70
C SER A 386 18.61 -2.73 -4.26
N THR A 387 19.30 -3.82 -3.95
CA THR A 387 20.66 -3.69 -3.40
C THR A 387 21.59 -3.13 -4.48
N PRO A 388 22.60 -2.34 -4.08
CA PRO A 388 23.48 -1.80 -5.11
C PRO A 388 24.11 -2.91 -5.94
N LYS A 389 24.54 -3.98 -5.29
CA LYS A 389 25.06 -5.16 -5.98
C LYS A 389 24.12 -5.67 -7.09
N HIS A 390 22.82 -5.83 -6.80
CA HIS A 390 21.88 -6.36 -7.81
C HIS A 390 21.59 -5.36 -8.96
N LEU A 391 21.39 -4.09 -8.59
CA LEU A 391 21.14 -3.05 -9.56
C LEU A 391 22.34 -2.87 -10.52
N HIS A 392 23.54 -3.02 -9.98
CA HIS A 392 24.73 -3.06 -10.83
C HIS A 392 24.71 -4.20 -11.87
N SER A 393 24.22 -5.38 -11.47
CA SER A 393 24.10 -6.52 -12.38
C SER A 393 22.99 -6.33 -13.43
N LEU A 394 22.06 -5.41 -13.17
CA LEU A 394 21.11 -4.98 -14.18
C LEU A 394 21.65 -3.79 -14.97
N ASN A 395 22.88 -3.39 -14.68
CA ASN A 395 23.52 -2.21 -15.28
C ASN A 395 22.83 -0.87 -15.03
N LEU A 396 22.12 -0.75 -13.91
CA LEU A 396 21.46 0.52 -13.55
C LEU A 396 22.22 1.31 -12.48
N LEU A 397 23.29 0.72 -11.94
CA LEU A 397 24.24 1.42 -11.08
C LEU A 397 25.63 0.94 -11.49
N SER A 398 26.66 1.72 -11.21
CA SER A 398 28.03 1.23 -11.35
C SER A 398 28.43 0.63 -10.00
N SER A 399 29.61 0.02 -9.93
CA SER A 399 30.05 -0.62 -8.67
C SER A 399 30.07 0.37 -7.51
N GLU A 400 29.54 -0.07 -6.36
CA GLU A 400 29.49 0.74 -5.14
C GLU A 400 30.03 -0.05 -3.92
N GLY A 401 30.62 -1.22 -4.17
CA GLY A 401 30.99 -2.12 -3.11
C GLY A 401 32.22 -1.67 -2.35
N GLY A 402 32.35 -2.17 -1.12
CA GLY A 402 33.53 -1.92 -0.30
C GLY A 402 33.86 -0.46 -0.09
N SER A 403 32.84 0.37 0.07
CA SER A 403 33.04 1.74 0.54
C SER A 403 31.93 2.09 1.48
N ASP A 404 32.30 2.51 2.69
CA ASP A 404 31.35 2.87 3.73
C ASP A 404 30.45 4.04 3.29
N GLU A 405 30.99 4.94 2.49
CA GLU A 405 30.23 6.08 1.99
C GLU A 405 29.04 5.64 1.12
N HIS A 406 29.26 4.78 0.13
CA HIS A 406 28.15 4.27 -0.70
C HIS A 406 27.17 3.48 0.15
N ASP A 407 27.69 2.74 1.11
CA ASP A 407 26.90 1.90 1.99
C ASP A 407 25.89 2.74 2.80
N ILE A 408 26.37 3.83 3.41
CA ILE A 408 25.49 4.74 4.17
C ILE A 408 24.54 5.49 3.23
N ASN A 409 25.00 5.82 2.02
CA ASN A 409 24.13 6.40 0.99
C ASN A 409 22.98 5.48 0.61
N PHE A 410 23.27 4.20 0.40
CA PHE A 410 22.24 3.23 0.04
C PHE A 410 21.19 3.10 1.11
N LEU A 411 21.66 3.13 2.36
CA LEU A 411 20.78 2.89 3.50
C LEU A 411 19.86 4.09 3.69
N MET A 412 20.38 5.28 3.39
CA MET A 412 19.59 6.52 3.40
C MET A 412 18.54 6.47 2.30
N LYS A 413 18.95 6.04 1.13
CA LYS A 413 18.01 5.92 0.03
C LYS A 413 16.86 4.98 0.45
N MET A 414 17.20 3.83 1.03
CA MET A 414 16.18 2.88 1.49
C MET A 414 15.34 3.45 2.63
N ALA A 415 16.00 4.15 3.56
CA ALA A 415 15.31 4.73 4.70
C ALA A 415 14.29 5.77 4.28
N LEU A 416 14.56 6.53 3.23
CA LEU A 416 13.65 7.58 2.85
C LEU A 416 12.31 6.98 2.35
N ASP A 417 12.33 5.74 1.86
CA ASP A 417 11.09 5.04 1.50
C ASP A 417 10.52 4.21 2.61
N LYS A 418 11.37 3.41 3.27
CA LYS A 418 10.89 2.44 4.24
C LYS A 418 10.55 3.02 5.60
N ILE A 419 11.39 3.87 6.15
CA ILE A 419 11.17 4.41 7.50
C ILE A 419 10.10 5.51 7.49
N ALA A 420 10.16 6.38 6.49
CA ALA A 420 9.25 7.51 6.38
C ALA A 420 7.80 7.07 6.16
N PHE A 421 7.61 5.89 5.61
CA PHE A 421 6.28 5.36 5.37
C PHE A 421 5.67 4.77 6.66
N ILE A 422 6.49 4.46 7.66
CA ILE A 422 6.01 3.89 8.92
C ILE A 422 4.92 4.77 9.57
N PRO A 423 5.21 6.04 9.88
CA PRO A 423 4.15 6.88 10.41
C PRO A 423 2.97 7.21 9.46
N PHE A 424 3.20 7.45 8.18
CA PHE A 424 2.06 7.67 7.27
C PHE A 424 1.13 6.46 7.30
N SER A 425 1.69 5.26 7.15
CA SER A 425 0.87 4.06 7.04
C SER A 425 0.10 3.77 8.32
N TYR A 426 0.64 4.19 9.45
CA TYR A 426 -0.02 4.04 10.74
C TYR A 426 -1.19 5.02 10.88
N LEU A 427 -0.95 6.24 10.45
CA LEU A 427 -1.90 7.36 10.57
C LEU A 427 -3.24 7.17 9.83
N VAL A 428 -3.18 6.66 8.61
CA VAL A 428 -4.36 6.67 7.77
C VAL A 428 -5.57 6.02 8.44
N ASP A 429 -5.41 4.80 8.92
CA ASP A 429 -6.54 4.15 9.54
C ASP A 429 -6.76 4.55 10.98
N GLN A 430 -5.80 5.22 11.62
CA GLN A 430 -6.11 5.83 12.92
C GLN A 430 -7.20 6.88 12.73
N TRP A 431 -7.09 7.66 11.67
CA TRP A 431 -8.09 8.65 11.35
C TRP A 431 -9.39 7.96 10.93
N ARG A 432 -9.33 7.02 9.98
CA ARG A 432 -10.57 6.36 9.51
C ARG A 432 -11.31 5.58 10.56
N TRP A 433 -10.55 4.92 11.44
CA TRP A 433 -11.18 4.16 12.51
C TRP A 433 -11.95 5.11 13.39
N ARG A 434 -11.39 6.29 13.63
CA ARG A 434 -12.07 7.24 14.50
C ARG A 434 -13.24 7.91 13.77
N VAL A 435 -13.14 8.00 12.45
CA VAL A 435 -14.27 8.43 11.64
C VAL A 435 -15.39 7.40 11.77
N PHE A 436 -15.04 6.13 11.59
CA PHE A 436 -16.05 5.08 11.67
C PHE A 436 -16.75 4.99 13.02
N ASP A 437 -16.00 5.09 14.13
CA ASP A 437 -16.63 5.01 15.46
C ASP A 437 -17.25 6.31 15.97
N GLY A 438 -17.26 7.34 15.14
CA GLY A 438 -17.97 8.58 15.43
C GLY A 438 -17.17 9.57 16.25
N SER A 439 -15.95 9.24 16.64
CA SER A 439 -15.11 10.19 17.38
C SER A 439 -14.72 11.43 16.54
N ILE A 440 -14.71 11.29 15.22
CA ILE A 440 -14.43 12.37 14.29
C ILE A 440 -15.65 12.59 13.38
N THR A 441 -16.26 13.77 13.48
CA THR A 441 -17.47 14.06 12.70
C THR A 441 -17.04 14.83 11.46
N LYS A 442 -17.96 15.04 10.52
CA LYS A 442 -17.64 15.80 9.31
C LYS A 442 -17.31 17.27 9.57
N GLU A 443 -17.57 17.76 10.79
CA GLU A 443 -17.10 19.07 11.18
C GLU A 443 -15.59 19.09 11.36
N ASN A 444 -15.02 17.94 11.72
CA ASN A 444 -13.62 17.83 12.12
C ASN A 444 -12.79 16.91 11.22
N TYR A 445 -13.35 16.44 10.11
CA TYR A 445 -12.61 15.50 9.26
C TYR A 445 -11.17 15.97 9.13
N ASN A 446 -11.04 17.16 8.53
CA ASN A 446 -9.76 17.69 8.11
C ASN A 446 -8.83 18.09 9.26
N GLN A 447 -9.36 18.79 10.26
CA GLN A 447 -8.55 19.19 11.41
C GLN A 447 -7.94 17.97 12.08
N GLU A 448 -8.74 16.94 12.29
CA GLU A 448 -8.26 15.71 12.90
C GLU A 448 -7.23 14.94 12.03
N TRP A 449 -7.40 15.02 10.72
CA TRP A 449 -6.41 14.52 9.76
C TRP A 449 -5.06 15.20 10.04
N TRP A 450 -5.03 16.53 10.03
CA TRP A 450 -3.80 17.31 10.25
C TRP A 450 -3.22 17.21 11.68
N SER A 451 -4.02 16.84 12.66
CA SER A 451 -3.50 16.60 14.01
C SER A 451 -2.67 15.33 14.03
N LEU A 452 -3.11 14.35 13.25
CA LEU A 452 -2.40 13.09 13.15
C LEU A 452 -1.18 13.22 12.24
N ARG A 453 -1.33 13.97 11.15
CA ARG A 453 -0.19 14.31 10.30
C ARG A 453 0.91 14.96 11.13
N LEU A 454 0.53 15.85 12.04
CA LEU A 454 1.50 16.50 12.94
C LEU A 454 2.06 15.52 13.95
N LYS A 455 1.15 14.86 14.68
CA LYS A 455 1.53 13.99 15.78
C LYS A 455 2.44 12.81 15.40
N TYR A 456 2.08 12.10 14.34
CA TYR A 456 2.82 10.90 13.94
C TYR A 456 3.96 11.18 12.98
N GLN A 457 3.73 11.99 11.95
CA GLN A 457 4.73 12.24 10.89
C GLN A 457 5.56 13.50 11.09
N GLY A 458 5.04 14.45 11.83
CA GLY A 458 5.73 15.72 12.04
C GLY A 458 5.63 16.64 10.86
N LEU A 459 4.47 16.65 10.22
CA LEU A 459 4.21 17.51 9.09
C LEU A 459 3.13 18.54 9.42
N CYS A 460 3.25 19.69 8.78
CA CYS A 460 2.24 20.72 8.80
C CYS A 460 1.84 20.99 7.37
N PRO A 461 0.64 21.56 7.17
CA PRO A 461 0.23 21.94 5.84
C PRO A 461 0.92 23.22 5.44
N PRO A 462 1.47 23.31 4.21
CA PRO A 462 2.13 24.55 3.77
C PRO A 462 1.17 25.74 3.62
N VAL A 463 -0.10 25.47 3.31
CA VAL A 463 -1.14 26.49 3.24
C VAL A 463 -2.20 26.17 4.28
N PRO A 464 -2.59 27.14 5.11
CA PRO A 464 -3.60 26.80 6.13
C PRO A 464 -4.87 26.26 5.49
N ARG A 465 -5.55 25.32 6.15
CA ARG A 465 -6.69 24.63 5.57
C ARG A 465 -7.96 25.43 5.84
N THR A 466 -8.85 25.45 4.85
CA THR A 466 -10.04 26.25 4.95
C THR A 466 -11.23 25.32 5.07
N GLN A 467 -12.36 25.89 5.48
CA GLN A 467 -13.62 25.17 5.48
C GLN A 467 -13.90 24.65 4.06
N GLY A 468 -14.33 23.39 3.97
CA GLY A 468 -14.58 22.77 2.67
C GLY A 468 -13.46 21.83 2.24
N ASP A 469 -12.25 22.02 2.75
CA ASP A 469 -11.17 21.08 2.40
C ASP A 469 -11.45 19.71 2.99
N PHE A 470 -11.06 18.69 2.23
CA PHE A 470 -11.09 17.29 2.68
C PHE A 470 -9.86 16.63 2.05
N ASP A 471 -8.72 16.90 2.66
CA ASP A 471 -7.44 16.44 2.18
C ASP A 471 -7.38 14.92 2.13
N PRO A 472 -8.00 14.22 3.08
CA PRO A 472 -7.94 12.78 2.94
C PRO A 472 -8.55 12.26 1.64
N GLY A 473 -9.48 13.00 1.06
CA GLY A 473 -10.01 12.64 -0.26
C GLY A 473 -9.02 12.67 -1.40
N ALA A 474 -7.88 13.33 -1.19
CA ALA A 474 -6.82 13.41 -2.19
C ALA A 474 -5.85 12.24 -2.16
N LYS A 475 -6.08 11.30 -1.25
CA LYS A 475 -5.34 10.06 -1.23
C LYS A 475 -6.28 8.95 -1.74
N PHE A 476 -5.80 8.15 -2.69
CA PHE A 476 -6.62 7.16 -3.43
C PHE A 476 -7.50 6.24 -2.57
N HIS A 477 -6.92 5.77 -1.47
CA HIS A 477 -7.54 4.72 -0.66
C HIS A 477 -8.72 5.18 0.15
N ILE A 478 -8.80 6.48 0.41
CA ILE A 478 -9.93 7.04 1.11
C ILE A 478 -11.21 6.91 0.26
N PRO A 479 -11.27 7.55 -0.93
CA PRO A 479 -12.43 7.41 -1.78
C PRO A 479 -12.63 6.01 -2.38
N SER A 480 -11.57 5.25 -2.63
CA SER A 480 -11.71 3.88 -3.14
C SER A 480 -12.07 2.89 -2.07
N SER A 481 -12.08 3.33 -0.81
CA SER A 481 -12.47 2.51 0.33
C SER A 481 -11.61 1.26 0.46
N VAL A 482 -10.30 1.45 0.45
CA VAL A 482 -9.34 0.37 0.60
C VAL A 482 -8.65 0.52 1.96
N PRO A 483 -8.71 -0.53 2.80
CA PRO A 483 -8.08 -0.38 4.11
C PRO A 483 -6.58 -0.21 4.00
N TYR A 484 -6.00 0.63 4.85
CA TYR A 484 -4.62 1.02 4.71
C TYR A 484 -3.64 0.42 5.74
N ILE A 485 -4.11 0.01 6.92
CA ILE A 485 -3.17 -0.51 7.95
C ILE A 485 -2.35 -1.71 7.44
N LYS A 486 -2.87 -2.41 6.43
CA LYS A 486 -2.13 -3.50 5.80
C LYS A 486 -0.73 -3.11 5.33
N TYR A 487 -0.56 -1.88 4.87
CA TYR A 487 0.75 -1.42 4.39
C TYR A 487 1.72 -1.18 5.55
N PHE A 488 1.20 -0.80 6.72
CA PHE A 488 1.98 -0.69 7.93
C PHE A 488 2.49 -2.08 8.34
N VAL A 489 1.56 -3.02 8.49
CA VAL A 489 1.92 -4.39 8.82
C VAL A 489 2.94 -4.90 7.80
N SER A 490 2.66 -4.63 6.53
CA SER A 490 3.52 -5.05 5.44
C SER A 490 4.97 -4.59 5.62
N PHE A 491 5.17 -3.32 5.97
CA PHE A 491 6.51 -2.76 6.07
C PHE A 491 7.29 -3.32 7.26
N ILE A 492 6.60 -3.63 8.35
CA ILE A 492 7.22 -4.35 9.47
C ILE A 492 7.65 -5.76 9.07
N ILE A 493 6.72 -6.53 8.50
CA ILE A 493 6.95 -7.97 8.34
C ILE A 493 7.82 -8.33 7.13
N GLN A 494 7.86 -7.47 6.14
CA GLN A 494 8.68 -7.75 4.97
C GLN A 494 10.15 -7.83 5.37
N PHE A 495 10.56 -7.04 6.38
CA PHE A 495 11.92 -7.11 6.91
C PHE A 495 12.13 -8.36 7.75
N GLN A 496 11.10 -8.81 8.48
CA GLN A 496 11.20 -10.12 9.15
C GLN A 496 11.33 -11.24 8.12
N PHE A 497 10.66 -11.11 6.98
CA PHE A 497 10.75 -12.13 5.94
C PHE A 497 12.14 -12.09 5.32
N HIS A 498 12.62 -10.90 4.97
CA HIS A 498 13.96 -10.71 4.40
C HIS A 498 15.04 -11.34 5.27
N GLU A 499 15.02 -11.02 6.56
CA GLU A 499 15.98 -11.58 7.51
C GLU A 499 15.96 -13.10 7.49
N ALA A 500 14.76 -13.69 7.54
CA ALA A 500 14.61 -15.16 7.63
C ALA A 500 15.04 -15.87 6.35
N LEU A 501 14.64 -15.30 5.22
CA LEU A 501 15.02 -15.85 3.93
C LEU A 501 16.53 -15.74 3.68
N CYS A 502 17.12 -14.62 4.10
CA CYS A 502 18.57 -14.45 3.99
C CYS A 502 19.31 -15.49 4.83
N GLN A 503 18.89 -15.66 6.08
CA GLN A 503 19.43 -16.72 6.94
C GLN A 503 19.34 -18.07 6.21
N ALA A 504 18.16 -18.38 5.69
CA ALA A 504 17.92 -19.66 5.01
C ALA A 504 18.84 -19.83 3.82
N ALA A 505 19.13 -18.73 3.12
CA ALA A 505 19.99 -18.77 1.92
C ALA A 505 21.50 -18.83 2.22
N GLY A 506 21.89 -18.83 3.50
CA GLY A 506 23.31 -18.89 3.87
C GLY A 506 24.08 -17.56 3.84
N HIS A 507 23.36 -16.44 3.83
CA HIS A 507 24.01 -15.13 3.83
C HIS A 507 24.57 -14.83 5.22
N THR A 508 25.80 -14.33 5.26
CA THR A 508 26.39 -13.87 6.50
C THR A 508 26.72 -12.41 6.31
N GLY A 509 26.88 -11.72 7.43
CA GLY A 509 27.16 -10.29 7.41
C GLY A 509 25.88 -9.47 7.50
N PRO A 510 26.03 -8.14 7.40
CA PRO A 510 24.92 -7.21 7.62
C PRO A 510 23.74 -7.53 6.72
N LEU A 511 22.54 -7.35 7.26
CA LEU A 511 21.33 -7.78 6.60
C LEU A 511 21.03 -6.97 5.33
N HIS A 512 21.41 -5.70 5.31
CA HIS A 512 21.10 -4.83 4.17
C HIS A 512 21.92 -5.14 2.91
N LYS A 513 22.95 -5.98 3.04
CA LYS A 513 23.74 -6.41 1.90
C LYS A 513 23.21 -7.68 1.29
N CYS A 514 22.19 -8.29 1.89
CA CYS A 514 21.67 -9.58 1.40
C CYS A 514 20.84 -9.45 0.13
N ASP A 515 21.05 -10.43 -0.75
CA ASP A 515 20.32 -10.57 -2.00
C ASP A 515 20.01 -12.06 -2.17
N ILE A 516 18.73 -12.40 -2.09
CA ILE A 516 18.34 -13.80 -2.14
C ILE A 516 18.12 -14.36 -3.55
N TYR A 517 18.53 -13.63 -4.58
CA TYR A 517 18.28 -14.07 -5.95
C TYR A 517 18.73 -15.50 -6.12
N GLN A 518 17.86 -16.33 -6.69
CA GLN A 518 18.11 -17.73 -7.00
C GLN A 518 18.11 -18.72 -5.83
N SER A 519 17.78 -18.27 -4.61
CA SER A 519 17.75 -19.17 -3.45
C SER A 519 16.50 -20.01 -3.44
N LYS A 520 16.65 -21.32 -3.64
CA LYS A 520 15.52 -22.23 -3.65
C LYS A 520 15.04 -22.44 -2.22
N GLU A 521 15.96 -22.27 -1.27
CA GLU A 521 15.62 -22.43 0.14
C GLU A 521 14.70 -21.29 0.57
N ALA A 522 14.97 -20.09 0.06
CA ALA A 522 14.11 -18.95 0.32
C ALA A 522 12.76 -19.19 -0.35
N GLY A 523 12.80 -19.66 -1.59
CA GLY A 523 11.57 -19.95 -2.31
C GLY A 523 10.63 -20.88 -1.58
N GLN A 524 11.16 -21.95 -1.01
CA GLN A 524 10.32 -22.97 -0.41
C GLN A 524 9.51 -22.39 0.75
N ARG A 525 10.14 -21.52 1.53
CA ARG A 525 9.48 -20.95 2.69
C ARG A 525 8.27 -20.13 2.31
N LEU A 526 8.51 -19.20 1.38
CA LEU A 526 7.45 -18.37 0.87
C LEU A 526 6.31 -19.21 0.31
N ALA A 527 6.68 -20.21 -0.49
CA ALA A 527 5.73 -21.10 -1.13
C ALA A 527 4.84 -21.83 -0.12
N THR A 528 5.42 -22.39 0.94
CA THR A 528 4.64 -23.17 1.91
C THR A 528 3.67 -22.25 2.63
N ALA A 529 4.12 -21.03 2.96
CA ALA A 529 3.28 -20.05 3.63
C ALA A 529 2.18 -19.54 2.71
N MET A 530 2.53 -19.19 1.47
CA MET A 530 1.52 -18.67 0.56
C MET A 530 0.42 -19.71 0.26
N LYS A 531 0.78 -20.99 0.24
CA LYS A 531 -0.19 -22.06 -0.04
C LYS A 531 -1.32 -22.14 1.00
N LEU A 532 -1.03 -21.78 2.26
CA LEU A 532 -2.06 -21.77 3.31
C LEU A 532 -3.21 -20.81 3.05
N GLY A 533 -2.94 -19.73 2.31
CA GLY A 533 -3.95 -18.74 2.02
C GLY A 533 -4.49 -18.20 3.32
N PHE A 534 -5.82 -18.20 3.46
CA PHE A 534 -6.51 -17.76 4.67
C PHE A 534 -7.07 -18.97 5.43
N SER A 535 -6.45 -20.14 5.23
CA SER A 535 -6.94 -21.39 5.86
C SER A 535 -6.61 -21.50 7.35
N ARG A 536 -5.56 -20.79 7.78
CA ARG A 536 -5.10 -20.83 9.18
C ARG A 536 -4.92 -19.43 9.71
N PRO A 537 -4.89 -19.28 11.03
CA PRO A 537 -4.56 -17.99 11.63
C PRO A 537 -3.16 -17.54 11.21
N TRP A 538 -2.96 -16.24 11.01
CA TRP A 538 -1.72 -15.77 10.37
C TRP A 538 -0.39 -16.14 11.05
N PRO A 539 -0.38 -16.36 12.40
CA PRO A 539 0.87 -16.80 13.04
C PRO A 539 1.45 -18.11 12.51
N GLU A 540 0.60 -18.98 11.96
CA GLU A 540 1.09 -20.21 11.33
C GLU A 540 1.96 -19.88 10.10
N ALA A 541 1.48 -18.99 9.24
CA ALA A 541 2.27 -18.53 8.11
C ALA A 541 3.56 -17.80 8.53
N MET A 542 3.47 -16.90 9.53
CA MET A 542 4.65 -16.20 10.04
C MET A 542 5.71 -17.18 10.55
N GLN A 543 5.23 -18.20 11.24
CA GLN A 543 6.06 -19.26 11.82
C GLN A 543 6.79 -20.00 10.70
N LEU A 544 6.04 -20.45 9.72
CA LEU A 544 6.61 -21.13 8.55
C LEU A 544 7.70 -20.32 7.87
N ILE A 545 7.53 -19.01 7.75
CA ILE A 545 8.54 -18.22 7.03
C ILE A 545 9.72 -17.88 7.92
N THR A 546 9.47 -17.58 9.18
CA THR A 546 10.47 -16.99 10.04
C THR A 546 10.90 -17.83 11.26
N GLY A 547 10.25 -18.96 11.52
CA GLY A 547 10.57 -19.78 12.68
C GLY A 547 10.08 -19.26 14.03
N GLN A 548 9.21 -18.25 13.99
CA GLN A 548 8.58 -17.73 15.19
C GLN A 548 7.27 -17.07 14.76
N PRO A 549 6.35 -16.85 15.71
CA PRO A 549 4.98 -16.50 15.33
C PRO A 549 4.55 -15.01 15.45
N ASN A 550 5.38 -14.15 16.01
CA ASN A 550 5.02 -12.73 16.23
C ASN A 550 5.38 -11.80 15.08
N MET A 551 4.69 -10.68 15.01
CA MET A 551 5.19 -9.47 14.35
C MET A 551 6.23 -8.86 15.26
N SER A 552 7.27 -8.28 14.66
CA SER A 552 8.41 -7.80 15.42
C SER A 552 9.18 -6.79 14.58
N ALA A 553 9.51 -5.67 15.19
CA ALA A 553 10.29 -4.63 14.54
C ALA A 553 11.78 -4.94 14.50
N SER A 554 12.23 -5.96 15.22
CA SER A 554 13.66 -6.32 15.29
C SER A 554 14.40 -6.37 13.96
N ALA A 555 13.81 -7.05 12.99
CA ALA A 555 14.45 -7.19 11.69
C ALA A 555 14.71 -5.83 11.03
N MET A 556 13.71 -4.95 11.06
CA MET A 556 13.82 -3.61 10.52
C MET A 556 14.88 -2.75 11.24
N LEU A 557 14.98 -2.88 12.57
CA LEU A 557 15.95 -2.06 13.31
C LEU A 557 17.36 -2.57 13.03
N SER A 558 17.49 -3.88 12.92
CA SER A 558 18.75 -4.50 12.54
C SER A 558 19.18 -4.10 11.10
N TYR A 559 18.26 -4.17 10.14
CA TYR A 559 18.55 -3.73 8.76
C TYR A 559 19.18 -2.34 8.76
N PHE A 560 18.59 -1.41 9.49
CA PHE A 560 18.96 0.00 9.44
C PHE A 560 19.91 0.43 10.57
N LYS A 561 20.32 -0.51 11.41
CA LYS A 561 21.15 -0.19 12.59
C LYS A 561 22.36 0.66 12.20
N PRO A 562 23.14 0.26 11.20
CA PRO A 562 24.23 1.15 10.81
C PRO A 562 23.79 2.57 10.43
N LEU A 563 22.61 2.75 9.84
CA LEU A 563 22.13 4.10 9.57
C LEU A 563 21.77 4.89 10.85
N LEU A 564 21.24 4.20 11.84
CA LEU A 564 20.80 4.86 13.07
C LEU A 564 21.99 5.45 13.82
N ASP A 565 23.09 4.68 13.86
CA ASP A 565 24.33 5.12 14.50
C ASP A 565 24.88 6.35 13.77
N TRP A 566 24.82 6.29 12.44
CA TRP A 566 25.32 7.39 11.62
C TRP A 566 24.45 8.64 11.75
N LEU A 567 23.12 8.49 11.80
CA LEU A 567 22.19 9.63 11.99
C LEU A 567 22.32 10.27 13.36
N ARG A 568 22.60 9.46 14.37
CA ARG A 568 22.67 9.95 15.73
C ARG A 568 23.87 10.85 15.87
N THR A 569 25.03 10.33 15.48
CA THR A 569 26.28 11.10 15.43
C THR A 569 26.13 12.39 14.61
N GLU A 570 25.53 12.27 13.43
CA GLU A 570 25.35 13.43 12.52
C GLU A 570 24.43 14.50 13.12
N ASN A 571 23.28 14.08 13.64
CA ASN A 571 22.29 14.98 14.21
C ASN A 571 22.80 15.67 15.48
N GLU A 572 23.47 14.91 16.34
CA GLU A 572 24.16 15.46 17.52
C GLU A 572 25.18 16.51 17.18
N LEU A 573 26.03 16.17 16.21
CA LEU A 573 27.07 17.05 15.69
C LEU A 573 26.49 18.43 15.33
N HIS A 574 25.30 18.45 14.74
CA HIS A 574 24.60 19.70 14.39
C HIS A 574 23.61 20.17 15.47
N GLY A 575 23.57 19.48 16.59
CA GLY A 575 22.70 19.88 17.69
C GLY A 575 21.20 19.86 17.43
N GLU A 576 20.73 18.92 16.61
CA GLU A 576 19.30 18.86 16.31
C GLU A 576 18.47 18.57 17.57
N LYS A 577 17.26 19.13 17.60
CA LYS A 577 16.21 18.68 18.52
C LYS A 577 15.45 17.61 17.76
N LEU A 578 15.42 16.39 18.29
CA LEU A 578 14.58 15.35 17.72
C LEU A 578 13.12 15.68 18.01
N GLY A 579 12.23 15.38 17.07
CA GLY A 579 10.83 15.73 17.22
C GLY A 579 10.55 17.16 16.80
N TRP A 580 9.36 17.63 17.15
CA TRP A 580 8.89 18.94 16.77
C TRP A 580 8.24 19.56 18.00
N PRO A 581 9.10 20.00 18.96
CA PRO A 581 8.63 20.59 20.22
C PRO A 581 7.78 21.83 19.97
N GLN A 582 8.20 22.67 19.00
CA GLN A 582 7.40 23.80 18.51
C GLN A 582 6.33 23.28 17.54
N TYR A 583 5.43 22.45 18.05
CA TYR A 583 4.41 21.76 17.24
C TYR A 583 3.34 22.69 16.60
N ASN A 584 3.08 23.84 17.21
CA ASN A 584 2.16 24.86 16.66
C ASN A 584 2.67 25.59 15.42
N TRP A 585 3.93 25.41 15.06
CA TRP A 585 4.50 26.19 13.95
C TRP A 585 3.84 25.85 12.62
N THR A 586 3.53 26.89 11.84
CA THR A 586 3.16 26.71 10.42
C THR A 586 3.89 27.77 9.59
N PRO A 587 4.05 27.52 8.28
CA PRO A 587 4.72 28.51 7.45
C PRO A 587 4.10 29.93 7.52
N ASN A 588 4.95 30.90 7.80
CA ASN A 588 4.58 32.31 7.78
C ASN A 588 4.53 32.78 6.33
N SER A 589 5.53 32.32 5.56
CA SER A 589 5.69 32.55 4.12
C SER A 589 6.17 33.94 3.74
C1 NAG B . -11.45 -30.82 7.25
C2 NAG B . -10.39 -31.92 7.26
C3 NAG B . -9.25 -31.65 6.27
C4 NAG B . -9.80 -31.23 4.92
C5 NAG B . -10.87 -30.16 5.13
C6 NAG B . -11.47 -29.67 3.82
C7 NAG B . -10.15 -33.01 9.43
C8 NAG B . -9.51 -33.00 10.79
N2 NAG B . -9.83 -32.03 8.60
O3 NAG B . -8.49 -32.82 6.13
O4 NAG B . -8.77 -30.66 4.15
O5 NAG B . -11.90 -30.67 5.94
O6 NAG B . -11.43 -30.75 2.93
O7 NAG B . -10.94 -33.91 9.14
C1 NAG B . -8.30 -31.50 3.09
C2 NAG B . -7.38 -30.72 2.16
C3 NAG B . -6.95 -31.63 1.01
C4 NAG B . -6.24 -32.85 1.58
C5 NAG B . -7.17 -33.53 2.61
C6 NAG B . -6.54 -34.75 3.28
C7 NAG B . -8.11 -28.37 2.31
C8 NAG B . -8.80 -27.22 1.62
N2 NAG B . -8.02 -29.52 1.63
O3 NAG B . -6.09 -30.97 0.10
O4 NAG B . -5.97 -33.77 0.52
O5 NAG B . -7.60 -32.61 3.60
O6 NAG B . -5.14 -34.57 3.43
O7 NAG B . -7.69 -28.19 3.46
C1 BMA B . -4.72 -33.58 -0.17
C2 BMA B . -3.94 -34.90 -0.17
C3 BMA B . -2.59 -34.73 -0.88
C4 BMA B . -2.82 -34.17 -2.28
C5 BMA B . -3.70 -32.89 -2.23
C6 BMA B . -4.04 -32.40 -3.63
O2 BMA B . -4.71 -35.91 -0.84
O3 BMA B . -1.90 -35.98 -0.95
O4 BMA B . -1.56 -33.90 -2.87
O5 BMA B . -4.92 -33.13 -1.51
O6 BMA B . -3.53 -31.08 -3.83
C1 FUC B . -12.60 -30.84 2.11
C2 FUC B . -12.70 -32.00 1.15
C3 FUC B . -13.99 -32.73 1.48
C4 FUC B . -15.16 -31.75 1.37
C5 FUC B . -14.98 -30.58 2.34
C6 FUC B . -16.05 -29.52 2.12
O2 FUC B . -11.61 -32.86 1.33
O3 FUC B . -14.20 -33.85 0.65
O4 FUC B . -15.22 -31.24 0.06
O5 FUC B . -13.71 -29.96 2.17
ZN ZN C . -0.36 -4.17 -3.01
CL CL D . -2.75 15.67 2.93
S SO4 E . -1.94 -2.32 -4.14
O1 SO4 E . -3.11 -1.70 -4.81
O2 SO4 E . -0.82 -1.35 -3.99
O3 SO4 E . -1.50 -3.46 -4.99
O4 SO4 E . -2.37 -2.77 -2.80
C ACT F . 0.03 3.51 -1.49
O ACT F . 0.21 3.60 -2.71
OXT ACT F . -0.56 4.43 -0.86
CH3 ACT F . 0.50 2.26 -0.79
O1 PE4 G . 13.81 5.25 -6.53
C1 PE4 G . 13.02 4.09 -6.21
C2 PE4 G . 13.48 3.26 -5.01
O2 PE4 G . 14.75 2.62 -5.24
C3 PE4 G . 15.27 1.86 -4.12
C4 PE4 G . 16.71 1.40 -4.36
O3 PE4 G . 17.53 2.51 -4.76
C5 PE4 G . 18.94 2.29 -4.72
C6 PE4 G . 19.63 3.21 -5.74
O4 PE4 G . 19.47 4.59 -5.38
C7 PE4 G . 19.82 5.49 -6.43
C8 PE4 G . 19.68 6.94 -5.96
O5 PE4 G . 18.30 7.34 -5.95
C9 PE4 G . 17.92 8.19 -7.03
C10 PE4 G . 16.64 8.97 -6.71
O6 PE4 G . 15.58 8.62 -7.60
#